data_9FSC
#
_entry.id   9FSC
#
_cell.length_a   119.22
_cell.length_b   119.22
_cell.length_c   85.47
_cell.angle_alpha   90
_cell.angle_beta   90
_cell.angle_gamma   120
#
_symmetry.space_group_name_H-M   'P 31 2 1'
#
loop_
_entity.id
_entity.type
_entity.pdbx_description
1 polymer 'ornithine decarboxylase'
2 non-polymer 'PHOSPHATE ION'
3 water water
#
_entity_poly.entity_id   1
_entity_poly.type   'polypeptide(L)'
_entity_poly.pdbx_seq_one_letter_code
;MGSSHHHHHHSSGLVPRGSHMGDHDVALCHVSRYNHANYWAFVPLPTVSDDTGCDSLHHDSASERIRMAPPASASKAGAA
EERLHPYERRLLDQYQIHLQPANRNPLSRADSAAGREETAQTPAQVQMVSGVAVADSTSDQHASVASSQDLVDLFFLEGS
QAVDGLCFSPYPIYGWRTAEERRAAVCEVFKTYNVVTRLPASPAALAAAQRRYSRHRHSAIAPINKSAIETREQYWRRLS
NLYTQKGVKDAASAADAAATTATNGAVPAAPAYEPEDPFYIIDLGRVVEQMARWRHELPMVRPYFAVKSNPQPAVLEVLS
ALGAGFDCASKEEIHMVLGRQLVASPDDIIFANPCKQLGDLREAQACGVTYVTVDNPLEMEKISRLMPSAHAIIRIKTND
SKAQCSFSTKFGAPLEDVEGLLEAARQFNVTVCGVSFHVGSGNDDQSAYVSAVRDAYQVFQQAVQYGFKCTILDIGGGFP
GTEVVEGSGNTSFEAIARTIRPVLAELFGGGDVTIISEPGRYFTAASHALLMNVFASRTLRLSDVEVSRQAFQSVVSMDE
PEEYQYYVNDGLYHSFNCILFDHAHPTLLLLNDGDGADGVESGTEAAAVCSEEEGETSLSGPLANDALFMSAWDRRRSFA
RRPLRITTIFGPTCDSMDCILKKQPFPEMKLGDWLLVPDMGSYTTAAAGFFNGFATRRLEWVSSVDLCARPRPVYTREGN
TLRCVSE
;
_entity_poly.pdbx_strand_id   A
#
loop_
_chem_comp.id
_chem_comp.type
_chem_comp.name
_chem_comp.formula
PO4 non-polymer 'PHOSPHATE ION' 'O4 P -3'
#
# COMPACT_ATOMS: atom_id res chain seq x y z
N SER A 144 -10.76 -16.37 11.42
CA SER A 144 -10.41 -14.95 11.37
C SER A 144 -9.81 -14.52 12.71
N VAL A 145 -8.74 -13.72 12.68
CA VAL A 145 -8.07 -13.29 13.91
C VAL A 145 -7.88 -11.76 13.96
N ALA A 146 -8.04 -11.16 15.14
CA ALA A 146 -7.90 -9.70 15.29
C ALA A 146 -6.46 -9.22 15.32
N SER A 147 -5.51 -10.11 15.68
CA SER A 147 -4.09 -9.80 15.73
C SER A 147 -3.21 -11.08 15.69
N SER A 148 -1.92 -10.92 15.35
CA SER A 148 -0.92 -11.97 15.31
C SER A 148 0.27 -11.46 16.14
N GLN A 149 0.08 -11.43 17.48
CA GLN A 149 1.05 -10.94 18.45
C GLN A 149 2.41 -11.66 18.41
N ASP A 150 2.39 -12.97 18.11
CA ASP A 150 3.63 -13.76 18.09
C ASP A 150 4.63 -13.27 17.03
N LEU A 151 4.15 -12.85 15.84
CA LEU A 151 5.03 -12.37 14.76
C LEU A 151 5.70 -11.06 15.11
N VAL A 152 4.93 -10.17 15.75
CA VAL A 152 5.37 -8.84 16.18
C VAL A 152 6.49 -9.01 17.21
N ASP A 153 6.30 -9.93 18.17
CA ASP A 153 7.34 -10.18 19.19
C ASP A 153 8.65 -10.67 18.55
N LEU A 154 8.57 -11.64 17.62
CA LEU A 154 9.76 -12.12 16.91
C LEU A 154 10.43 -11.04 16.08
N PHE A 155 9.63 -10.16 15.43
CA PHE A 155 10.15 -9.09 14.60
C PHE A 155 11.01 -8.11 15.39
N PHE A 156 10.48 -7.64 16.54
CA PHE A 156 11.21 -6.68 17.36
C PHE A 156 12.40 -7.31 18.12
N LEU A 157 12.37 -8.62 18.34
CA LEU A 157 13.49 -9.32 18.99
C LEU A 157 14.71 -9.46 18.09
N GLU A 158 14.48 -9.68 16.79
CA GLU A 158 15.52 -9.91 15.80
C GLU A 158 16.62 -8.83 15.74
N GLY A 159 17.88 -9.23 15.87
CA GLY A 159 19.01 -8.30 15.85
C GLY A 159 19.21 -7.52 17.14
N SER A 160 18.48 -7.87 18.22
CA SER A 160 18.59 -7.14 19.48
C SER A 160 19.62 -7.76 20.44
N GLN A 161 20.03 -7.02 21.48
CA GLN A 161 20.96 -7.53 22.47
C GLN A 161 20.41 -8.77 23.19
N ALA A 162 19.07 -8.86 23.35
CA ALA A 162 18.46 -10.04 23.96
C ALA A 162 18.81 -11.35 23.21
N VAL A 163 19.13 -11.26 21.90
CA VAL A 163 19.56 -12.42 21.10
C VAL A 163 20.99 -12.21 20.53
N ASP A 164 21.81 -11.43 21.23
CA ASP A 164 23.21 -11.14 20.90
C ASP A 164 23.37 -10.56 19.47
N GLY A 165 22.48 -9.64 19.11
CA GLY A 165 22.43 -8.98 17.80
C GLY A 165 22.31 -9.95 16.64
N LEU A 166 21.72 -11.13 16.90
CA LEU A 166 21.60 -12.19 15.92
C LEU A 166 20.35 -12.07 15.12
N CYS A 167 20.49 -12.20 13.79
CA CYS A 167 19.35 -12.20 12.87
C CYS A 167 18.87 -13.64 12.70
N PHE A 168 17.61 -13.82 12.29
CA PHE A 168 17.05 -15.18 12.15
C PHE A 168 17.10 -15.74 10.74
N SER A 169 18.03 -15.23 9.93
CA SER A 169 18.24 -15.65 8.54
C SER A 169 19.59 -15.04 8.08
N PRO A 170 20.13 -15.42 6.89
CA PRO A 170 21.38 -14.77 6.42
C PRO A 170 21.28 -13.30 6.03
N TYR A 171 20.16 -12.61 6.38
CA TYR A 171 19.94 -11.21 6.01
C TYR A 171 19.90 -10.26 7.20
N PRO A 172 20.58 -9.11 7.11
CA PRO A 172 20.48 -8.12 8.19
C PRO A 172 19.06 -7.55 8.25
N ILE A 173 18.64 -7.06 9.42
CA ILE A 173 17.33 -6.45 9.58
C ILE A 173 17.18 -5.25 8.64
N TYR A 174 15.95 -4.93 8.21
CA TYR A 174 15.76 -3.78 7.32
C TYR A 174 16.01 -2.50 8.11
N GLY A 175 16.72 -1.53 7.51
CA GLY A 175 16.97 -0.22 8.08
C GLY A 175 18.34 0.04 8.69
N TRP A 176 18.77 1.32 8.74
CA TRP A 176 20.04 1.71 9.34
C TRP A 176 20.03 1.66 10.88
N ARG A 177 18.83 1.65 11.49
CA ARG A 177 18.71 1.64 12.93
C ARG A 177 19.01 0.28 13.53
N THR A 178 19.55 0.27 14.76
CA THR A 178 19.77 -1.00 15.47
C THR A 178 18.37 -1.45 15.95
N ALA A 179 18.25 -2.71 16.41
CA ALA A 179 16.96 -3.21 16.88
C ALA A 179 16.40 -2.39 18.02
N GLU A 180 17.27 -1.83 18.88
CA GLU A 180 16.86 -1.00 20.02
C GLU A 180 16.38 0.36 19.54
N GLU A 181 17.13 0.97 18.61
CA GLU A 181 16.80 2.25 18.01
C GLU A 181 15.49 2.21 17.22
N ARG A 182 15.21 1.07 16.56
CA ARG A 182 14.03 0.84 15.74
C ARG A 182 12.79 0.71 16.60
N ARG A 183 12.89 -0.02 17.71
CA ARG A 183 11.75 -0.19 18.62
C ARG A 183 11.40 1.14 19.28
N ALA A 184 12.43 1.97 19.58
CA ALA A 184 12.19 3.26 20.22
C ALA A 184 11.55 4.24 19.25
N ALA A 185 12.06 4.29 17.99
CA ALA A 185 11.55 5.16 16.92
C ALA A 185 10.08 4.87 16.61
N VAL A 186 9.65 3.62 16.72
CA VAL A 186 8.26 3.23 16.50
C VAL A 186 7.40 3.74 17.64
N CYS A 187 7.86 3.54 18.87
CA CYS A 187 7.15 4.00 20.06
C CYS A 187 7.02 5.53 20.11
N GLU A 188 8.01 6.23 19.58
CA GLU A 188 8.01 7.68 19.52
C GLU A 188 6.88 8.15 18.59
N VAL A 189 6.72 7.48 17.41
CA VAL A 189 5.66 7.80 16.45
C VAL A 189 4.30 7.57 17.12
N PHE A 190 4.16 6.46 17.85
CA PHE A 190 2.94 6.10 18.59
C PHE A 190 2.56 7.19 19.62
N LYS A 191 3.57 7.85 20.20
CA LYS A 191 3.41 8.90 21.20
C LYS A 191 2.94 10.18 20.50
N THR A 192 3.60 10.55 19.39
CA THR A 192 3.29 11.73 18.59
C THR A 192 1.81 11.75 18.16
N TYR A 193 1.29 10.60 17.77
CA TYR A 193 -0.08 10.48 17.30
C TYR A 193 -1.04 9.98 18.36
N ASN A 194 -0.65 10.02 19.65
CA ASN A 194 -1.47 9.56 20.78
C ASN A 194 -2.22 8.25 20.51
N VAL A 195 -1.46 7.20 20.19
CA VAL A 195 -2.05 5.91 19.85
C VAL A 195 -2.43 5.15 21.10
N VAL A 196 -3.72 4.89 21.29
CA VAL A 196 -4.17 4.11 22.46
C VAL A 196 -4.14 2.64 22.10
N THR A 197 -3.37 1.85 22.87
CA THR A 197 -3.25 0.42 22.67
C THR A 197 -4.56 -0.26 23.04
N ARG A 198 -5.16 -0.95 22.09
CA ARG A 198 -6.41 -1.65 22.30
C ARG A 198 -6.21 -3.06 21.79
N LEU A 199 -6.09 -4.03 22.70
CA LEU A 199 -5.86 -5.42 22.32
C LEU A 199 -7.17 -6.23 22.35
N PRO A 200 -7.24 -7.34 21.60
CA PRO A 200 -8.47 -8.17 21.62
C PRO A 200 -8.70 -8.88 22.96
N ILE A 229 -10.15 -16.23 21.01
CA ILE A 229 -9.60 -15.06 20.30
C ILE A 229 -10.58 -14.45 19.29
N GLU A 230 -10.77 -13.13 19.42
CA GLU A 230 -11.67 -12.29 18.63
C GLU A 230 -11.39 -12.28 17.13
N THR A 231 -12.45 -12.33 16.31
CA THR A 231 -12.28 -12.20 14.87
C THR A 231 -11.99 -10.71 14.56
N ARG A 232 -11.54 -10.40 13.33
CA ARG A 232 -11.27 -9.00 12.98
C ARG A 232 -12.59 -8.19 12.98
N GLU A 233 -13.69 -8.77 12.43
CA GLU A 233 -15.00 -8.10 12.42
C GLU A 233 -15.46 -7.77 13.85
N GLN A 234 -15.31 -8.72 14.79
CA GLN A 234 -15.69 -8.54 16.20
C GLN A 234 -14.87 -7.49 16.89
N TYR A 235 -13.58 -7.42 16.56
CA TYR A 235 -12.68 -6.41 17.10
C TYR A 235 -13.13 -5.02 16.62
N TRP A 236 -13.53 -4.91 15.35
CA TRP A 236 -13.98 -3.65 14.79
C TRP A 236 -15.35 -3.24 15.36
N ARG A 237 -16.32 -4.16 15.43
CA ARG A 237 -17.65 -3.85 15.96
C ARG A 237 -17.60 -3.34 17.40
N ARG A 238 -16.69 -3.90 18.19
CA ARG A 238 -16.52 -3.57 19.59
C ARG A 238 -15.85 -2.20 19.73
N LEU A 239 -14.80 -1.94 18.93
CA LEU A 239 -14.11 -0.65 19.00
C LEU A 239 -14.98 0.49 18.46
N SER A 240 -15.87 0.19 17.50
CA SER A 240 -16.76 1.19 16.90
C SER A 240 -17.77 1.66 17.94
N ASN A 241 -18.38 0.72 18.69
CA ASN A 241 -19.33 1.08 19.75
C ASN A 241 -18.68 1.97 20.82
N LEU A 242 -17.40 1.74 21.09
CA LEU A 242 -16.65 2.50 22.06
C LEU A 242 -16.36 3.92 21.54
N TYR A 243 -15.99 4.04 20.25
CA TYR A 243 -15.62 5.32 19.66
C TYR A 243 -16.79 6.20 19.21
N THR A 244 -18.03 5.66 19.14
CA THR A 244 -19.17 6.48 18.76
C THR A 244 -19.44 7.59 19.78
N GLN A 245 -19.07 7.40 21.05
CA GLN A 245 -19.24 8.43 22.09
C GLN A 245 -17.96 8.59 22.91
N ALA A 272 -12.26 18.44 17.63
CA ALA A 272 -13.17 19.47 17.15
C ALA A 272 -14.11 18.86 16.12
N TYR A 273 -15.17 18.17 16.58
CA TYR A 273 -16.08 17.48 15.69
C TYR A 273 -17.48 17.32 16.28
N GLU A 274 -18.46 16.98 15.43
CA GLU A 274 -19.83 16.70 15.85
C GLU A 274 -19.97 15.22 16.20
N PRO A 275 -20.84 14.89 17.16
CA PRO A 275 -21.02 13.47 17.55
C PRO A 275 -21.37 12.53 16.40
N GLU A 276 -22.15 13.01 15.43
CA GLU A 276 -22.58 12.19 14.28
C GLU A 276 -21.67 12.30 13.07
N ASP A 277 -20.55 13.01 13.16
CA ASP A 277 -19.62 13.17 12.04
C ASP A 277 -19.03 11.82 11.61
N PRO A 278 -18.68 11.63 10.32
CA PRO A 278 -18.00 10.38 9.93
C PRO A 278 -16.55 10.36 10.46
N PHE A 279 -15.94 9.18 10.55
CA PHE A 279 -14.56 9.09 11.05
C PHE A 279 -13.86 7.78 10.67
N TYR A 280 -12.55 7.76 10.81
CA TYR A 280 -11.74 6.59 10.54
C TYR A 280 -11.07 6.11 11.83
N ILE A 281 -11.15 4.81 12.13
CA ILE A 281 -10.38 4.26 13.25
C ILE A 281 -9.13 3.70 12.58
N ILE A 282 -7.96 4.29 12.84
CA ILE A 282 -6.73 3.83 12.20
C ILE A 282 -5.90 2.97 13.15
N ASP A 283 -5.83 1.68 12.84
CA ASP A 283 -5.04 0.72 13.60
C ASP A 283 -3.60 0.71 13.09
N LEU A 284 -2.72 1.55 13.66
CA LEU A 284 -1.30 1.58 13.32
C LEU A 284 -0.55 0.29 13.74
N GLY A 285 -1.18 -0.54 14.57
CA GLY A 285 -0.64 -1.83 14.98
C GLY A 285 -0.68 -2.80 13.83
N ARG A 286 -1.74 -2.73 13.00
CA ARG A 286 -1.85 -3.57 11.82
C ARG A 286 -0.77 -3.23 10.79
N VAL A 287 -0.31 -1.95 10.75
CA VAL A 287 0.78 -1.58 9.84
C VAL A 287 2.05 -2.32 10.28
N VAL A 288 2.45 -2.15 11.57
CA VAL A 288 3.59 -2.79 12.24
C VAL A 288 3.55 -4.31 12.01
N GLU A 289 2.39 -4.93 12.26
CA GLU A 289 2.18 -6.34 12.05
C GLU A 289 2.42 -6.76 10.59
N GLN A 290 2.00 -5.96 9.61
CA GLN A 290 2.21 -6.31 8.20
C GLN A 290 3.72 -6.28 7.88
N MET A 291 4.49 -5.37 8.52
CA MET A 291 5.94 -5.31 8.35
C MET A 291 6.59 -6.55 8.98
N ALA A 292 6.09 -6.98 10.15
CA ALA A 292 6.56 -8.18 10.84
C ALA A 292 6.26 -9.40 9.95
N ARG A 293 5.07 -9.45 9.35
CA ARG A 293 4.67 -10.55 8.46
C ARG A 293 5.55 -10.56 7.20
N TRP A 294 5.88 -9.39 6.66
CA TRP A 294 6.76 -9.32 5.49
C TRP A 294 8.17 -9.87 5.83
N ARG A 295 8.77 -9.43 6.95
CA ARG A 295 10.10 -9.87 7.36
C ARG A 295 10.18 -11.40 7.54
N HIS A 296 9.18 -12.00 8.18
CA HIS A 296 9.06 -13.43 8.42
C HIS A 296 8.99 -14.25 7.14
N GLU A 297 8.33 -13.70 6.11
CA GLU A 297 8.16 -14.40 4.85
C GLU A 297 9.26 -14.15 3.84
N LEU A 298 9.72 -12.91 3.70
CA LEU A 298 10.72 -12.57 2.70
C LEU A 298 11.82 -11.66 3.26
N PRO A 299 12.75 -12.22 4.06
CA PRO A 299 13.84 -11.37 4.59
C PRO A 299 14.89 -10.97 3.54
N MET A 300 14.94 -11.69 2.44
CA MET A 300 15.79 -11.36 1.31
C MET A 300 15.26 -10.12 0.55
N VAL A 301 13.96 -9.77 0.71
CA VAL A 301 13.32 -8.64 0.01
C VAL A 301 13.02 -7.48 0.95
N ARG A 302 13.66 -6.32 0.74
CA ARG A 302 13.37 -5.14 1.57
C ARG A 302 12.19 -4.33 0.99
N PRO A 303 11.17 -4.04 1.79
CA PRO A 303 10.01 -3.32 1.25
C PRO A 303 10.14 -1.82 1.21
N TYR A 304 9.84 -1.26 0.04
CA TYR A 304 9.85 0.18 -0.16
C TYR A 304 8.38 0.60 -0.31
N PHE A 305 7.78 1.16 0.75
CA PHE A 305 6.38 1.59 0.77
C PHE A 305 5.99 2.45 -0.39
N ALA A 306 4.90 2.08 -1.11
CA ALA A 306 4.39 2.94 -2.19
C ALA A 306 3.51 4.02 -1.55
N VAL A 307 4.06 5.23 -1.40
CA VAL A 307 3.38 6.39 -0.80
C VAL A 307 1.97 6.63 -1.39
N LYS A 308 1.80 6.54 -2.73
CA LYS A 308 0.53 6.68 -3.45
C LYS A 308 -0.69 6.01 -2.79
N SER A 309 -0.52 4.86 -2.14
CA SER A 309 -1.63 4.11 -1.57
C SER A 309 -2.29 4.76 -0.35
N ASN A 310 -1.52 5.53 0.41
CA ASN A 310 -2.01 6.22 1.59
C ASN A 310 -0.89 7.06 2.13
N PRO A 311 -0.83 8.35 1.74
CA PRO A 311 0.27 9.20 2.22
C PRO A 311 0.05 9.84 3.61
N GLN A 312 -0.77 9.23 4.48
CA GLN A 312 -1.02 9.72 5.85
C GLN A 312 0.30 9.85 6.61
N PRO A 313 0.63 11.02 7.20
CA PRO A 313 1.95 11.18 7.85
C PRO A 313 2.33 10.16 8.94
N ALA A 314 1.37 9.63 9.71
CA ALA A 314 1.69 8.64 10.73
C ALA A 314 2.10 7.31 10.08
N VAL A 315 1.44 6.96 8.95
CA VAL A 315 1.75 5.74 8.20
C VAL A 315 3.18 5.85 7.63
N LEU A 316 3.52 7.00 7.03
CA LEU A 316 4.86 7.21 6.52
C LEU A 316 5.94 7.15 7.65
N GLU A 317 5.64 7.74 8.84
CA GLU A 317 6.54 7.78 10.00
C GLU A 317 6.81 6.40 10.61
N VAL A 318 5.74 5.59 10.87
CA VAL A 318 5.84 4.23 11.37
C VAL A 318 6.70 3.38 10.41
N LEU A 319 6.39 3.43 9.10
CA LEU A 319 7.13 2.63 8.14
C LEU A 319 8.58 3.06 8.01
N SER A 320 8.87 4.35 8.19
CA SER A 320 10.25 4.84 8.16
C SER A 320 11.02 4.24 9.35
N ALA A 321 10.41 4.32 10.55
CA ALA A 321 10.99 3.78 11.79
C ALA A 321 11.16 2.25 11.74
N LEU A 322 10.33 1.52 10.95
CA LEU A 322 10.44 0.06 10.87
C LEU A 322 11.54 -0.45 9.90
N GLY A 323 12.17 0.45 9.15
CA GLY A 323 13.23 0.06 8.24
C GLY A 323 12.86 0.01 6.76
N ALA A 324 11.60 0.39 6.44
CA ALA A 324 11.15 0.37 5.06
C ALA A 324 11.74 1.51 4.24
N GLY A 325 11.88 1.27 2.95
CA GLY A 325 12.27 2.32 2.02
C GLY A 325 11.03 3.05 1.50
N PHE A 326 11.20 4.00 0.56
CA PHE A 326 10.04 4.71 0.01
C PHE A 326 9.99 4.71 -1.51
N ASP A 327 8.82 4.38 -2.07
CA ASP A 327 8.55 4.37 -3.50
C ASP A 327 7.71 5.66 -3.80
N CYS A 328 8.33 6.63 -4.48
CA CYS A 328 7.73 7.92 -4.82
C CYS A 328 7.45 8.02 -6.33
N ALA A 329 6.34 8.65 -6.74
CA ALA A 329 6.00 8.79 -8.17
C ALA A 329 5.99 10.22 -8.70
N SER A 330 6.16 11.20 -7.83
CA SER A 330 6.14 12.61 -8.21
C SER A 330 7.12 13.41 -7.36
N LYS A 331 7.46 14.66 -7.78
CA LYS A 331 8.30 15.51 -6.96
C LYS A 331 7.60 15.86 -5.64
N GLU A 332 6.26 15.87 -5.62
CA GLU A 332 5.49 16.08 -4.41
C GLU A 332 5.71 14.92 -3.45
N GLU A 333 5.71 13.69 -3.95
CA GLU A 333 5.94 12.52 -3.09
C GLU A 333 7.36 12.48 -2.56
N ILE A 334 8.35 12.75 -3.45
CA ILE A 334 9.77 12.86 -3.05
C ILE A 334 9.93 13.92 -1.93
N HIS A 335 9.23 15.06 -2.06
CA HIS A 335 9.29 16.13 -1.07
C HIS A 335 8.64 15.81 0.25
N MET A 336 7.56 15.03 0.26
CA MET A 336 6.92 14.72 1.54
C MET A 336 7.75 13.67 2.34
N VAL A 337 8.68 12.93 1.69
CA VAL A 337 9.55 11.98 2.39
C VAL A 337 10.79 12.73 2.92
N LEU A 338 11.45 13.51 2.05
CA LEU A 338 12.62 14.31 2.38
C LEU A 338 12.34 15.43 3.38
N GLY A 339 11.23 16.14 3.20
CA GLY A 339 10.86 17.23 4.08
C GLY A 339 10.45 16.80 5.48
N ARG A 340 10.08 15.54 5.66
CA ARG A 340 9.72 15.03 6.99
C ARG A 340 10.83 14.19 7.63
N GLN A 341 12.03 14.12 6.98
CA GLN A 341 13.21 13.35 7.42
C GLN A 341 12.85 11.91 7.70
N LEU A 342 12.32 11.24 6.68
CA LEU A 342 11.93 9.83 6.82
C LEU A 342 12.97 8.86 6.28
N VAL A 343 13.97 9.34 5.53
CA VAL A 343 15.04 8.50 5.02
C VAL A 343 16.40 9.07 5.45
N ALA A 344 17.35 8.20 5.80
CA ALA A 344 18.68 8.68 6.20
C ALA A 344 19.50 9.16 4.99
N SER A 345 19.18 8.63 3.79
CA SER A 345 19.84 8.95 2.52
C SER A 345 18.81 8.92 1.38
N PRO A 346 19.02 9.74 0.31
CA PRO A 346 18.11 9.69 -0.84
C PRO A 346 18.18 8.38 -1.65
N ASP A 347 19.16 7.51 -1.32
CA ASP A 347 19.30 6.18 -1.93
C ASP A 347 18.14 5.26 -1.46
N ASP A 348 17.47 5.60 -0.33
CA ASP A 348 16.32 4.86 0.20
C ASP A 348 14.97 5.27 -0.46
N ILE A 349 15.02 6.10 -1.52
CA ILE A 349 13.85 6.47 -2.29
C ILE A 349 14.05 5.89 -3.68
N ILE A 350 13.06 5.16 -4.18
CA ILE A 350 13.04 4.78 -5.58
C ILE A 350 11.95 5.65 -6.25
N PHE A 351 12.28 6.32 -7.37
CA PHE A 351 11.38 7.16 -8.14
C PHE A 351 10.72 6.21 -9.15
N ALA A 352 9.75 5.42 -8.69
CA ALA A 352 9.08 4.46 -9.54
C ALA A 352 7.92 4.99 -10.39
N ASN A 353 8.22 5.91 -11.31
CA ASN A 353 7.25 6.39 -12.28
C ASN A 353 7.99 6.29 -13.61
N PRO A 354 7.62 5.33 -14.47
CA PRO A 354 8.37 5.16 -15.72
C PRO A 354 8.31 6.35 -16.68
N CYS A 355 7.35 7.28 -16.50
CA CYS A 355 7.26 8.46 -17.35
C CYS A 355 7.12 9.70 -16.52
N LYS A 356 8.17 10.53 -16.52
CA LYS A 356 8.22 11.68 -15.63
C LYS A 356 8.29 12.99 -16.35
N GLN A 357 7.70 14.03 -15.74
CA GLN A 357 7.75 15.38 -16.27
C GLN A 357 9.19 15.90 -16.13
N LEU A 358 9.61 16.81 -17.01
CA LEU A 358 10.97 17.36 -16.93
C LEU A 358 11.28 18.02 -15.59
N GLY A 359 10.37 18.83 -15.08
CA GLY A 359 10.55 19.48 -13.79
C GLY A 359 10.68 18.51 -12.62
N ASP A 360 10.19 17.28 -12.79
CA ASP A 360 10.27 16.23 -11.77
C ASP A 360 11.62 15.54 -11.84
N LEU A 361 12.14 15.31 -13.06
CA LEU A 361 13.46 14.77 -13.29
C LEU A 361 14.50 15.73 -12.71
N ARG A 362 14.31 17.05 -12.93
CA ARG A 362 15.21 18.09 -12.41
C ARG A 362 15.18 18.15 -10.89
N GLU A 363 13.99 18.01 -10.29
CA GLU A 363 13.84 18.14 -8.84
C GLU A 363 14.38 16.93 -8.08
N ALA A 364 14.27 15.74 -8.67
CA ALA A 364 14.80 14.52 -8.07
C ALA A 364 16.33 14.54 -8.12
N GLN A 365 16.91 15.08 -9.21
CA GLN A 365 18.36 15.21 -9.34
C GLN A 365 18.87 16.17 -8.26
N ALA A 366 18.30 17.38 -8.17
CA ALA A 366 18.67 18.36 -7.15
C ALA A 366 18.51 17.84 -5.73
N CYS A 367 17.58 16.91 -5.51
CA CYS A 367 17.34 16.32 -4.19
C CYS A 367 18.31 15.18 -3.84
N GLY A 368 19.04 14.67 -4.82
CA GLY A 368 19.97 13.57 -4.62
C GLY A 368 19.35 12.20 -4.88
N VAL A 369 18.10 12.16 -5.38
CA VAL A 369 17.41 10.93 -5.72
C VAL A 369 18.13 10.28 -6.92
N THR A 370 18.37 8.97 -6.86
CA THR A 370 19.18 8.29 -7.85
C THR A 370 18.45 7.19 -8.59
N TYR A 371 17.78 6.29 -7.86
CA TYR A 371 17.14 5.14 -8.47
C TYR A 371 15.85 5.53 -9.15
N VAL A 372 15.87 5.49 -10.49
CA VAL A 372 14.75 5.94 -11.26
C VAL A 372 14.33 4.96 -12.34
N THR A 373 13.02 4.73 -12.43
CA THR A 373 12.43 3.75 -13.35
C THR A 373 12.38 4.28 -14.79
N VAL A 374 12.49 3.36 -15.78
CA VAL A 374 12.42 3.67 -17.20
C VAL A 374 11.94 2.47 -18.00
N ASP A 375 11.15 2.72 -19.06
CA ASP A 375 10.65 1.64 -19.92
C ASP A 375 10.54 2.04 -21.40
N ASN A 376 11.05 3.22 -21.80
CA ASN A 376 10.97 3.62 -23.20
C ASN A 376 12.18 4.45 -23.65
N PRO A 377 12.59 4.26 -24.94
CA PRO A 377 13.76 4.99 -25.47
C PRO A 377 13.79 6.50 -25.27
N LEU A 378 12.62 7.18 -25.42
CA LEU A 378 12.54 8.62 -25.27
C LEU A 378 12.79 9.06 -23.83
N GLU A 379 12.43 8.22 -22.86
CA GLU A 379 12.66 8.47 -21.45
C GLU A 379 14.14 8.31 -21.07
N MET A 380 14.86 7.42 -21.78
CA MET A 380 16.30 7.21 -21.53
C MET A 380 17.07 8.51 -21.78
N GLU A 381 16.72 9.20 -22.89
CA GLU A 381 17.32 10.45 -23.31
C GLU A 381 17.09 11.53 -22.27
N LYS A 382 15.86 11.59 -21.72
CA LYS A 382 15.47 12.57 -20.71
C LYS A 382 16.26 12.38 -19.43
N ILE A 383 16.40 11.13 -18.98
CA ILE A 383 17.14 10.80 -17.77
C ILE A 383 18.60 11.20 -17.93
N SER A 384 19.19 10.90 -19.10
CA SER A 384 20.58 11.24 -19.40
C SER A 384 20.84 12.75 -19.29
N ARG A 385 19.84 13.56 -19.64
CA ARG A 385 19.94 15.00 -19.61
C ARG A 385 19.70 15.63 -18.25
N LEU A 386 18.63 15.24 -17.54
CA LEU A 386 18.28 15.90 -16.29
C LEU A 386 18.73 15.17 -15.03
N MET A 387 18.91 13.86 -15.11
CA MET A 387 19.42 13.08 -13.97
C MET A 387 20.71 12.37 -14.40
N PRO A 388 21.84 13.09 -14.44
CA PRO A 388 23.09 12.46 -14.89
C PRO A 388 23.66 11.43 -13.92
N SER A 389 23.37 11.61 -12.61
CA SER A 389 23.79 10.75 -11.52
C SER A 389 22.74 9.64 -11.28
N ALA A 390 21.98 9.22 -12.30
CA ALA A 390 20.91 8.24 -12.10
C ALA A 390 21.30 6.78 -12.25
N HIS A 391 20.66 5.94 -11.44
CA HIS A 391 20.84 4.50 -11.49
C HIS A 391 19.51 3.95 -12.04
N ALA A 392 19.42 3.85 -13.37
CA ALA A 392 18.25 3.40 -14.11
C ALA A 392 17.83 1.97 -13.78
N ILE A 393 16.51 1.73 -13.64
CA ILE A 393 15.92 0.41 -13.38
C ILE A 393 14.92 0.13 -14.51
N ILE A 394 15.18 -0.87 -15.35
CA ILE A 394 14.31 -1.16 -16.48
C ILE A 394 13.02 -1.89 -16.07
N ARG A 395 11.84 -1.26 -16.32
CA ARG A 395 10.58 -1.90 -15.97
C ARG A 395 10.05 -2.69 -17.19
N ILE A 396 9.72 -3.97 -16.97
CA ILE A 396 9.28 -4.89 -17.99
C ILE A 396 7.78 -5.21 -17.86
N LYS A 397 7.18 -5.68 -18.95
CA LYS A 397 5.77 -5.99 -19.06
C LYS A 397 5.46 -7.32 -18.34
N THR A 398 4.25 -7.48 -17.81
CA THR A 398 3.87 -8.66 -17.05
C THR A 398 2.57 -9.30 -17.54
N ASN A 399 2.31 -10.55 -17.16
CA ASN A 399 1.07 -11.23 -17.49
C ASN A 399 0.11 -10.92 -16.33
N ASP A 400 -0.43 -9.68 -16.36
CA ASP A 400 -1.26 -9.12 -15.29
C ASP A 400 -2.76 -9.25 -15.45
N SER A 401 -3.26 -9.96 -16.48
CA SER A 401 -4.69 -10.14 -16.75
C SER A 401 -5.56 -10.53 -15.54
N LYS A 402 -4.98 -11.27 -14.57
CA LYS A 402 -5.66 -11.74 -13.36
C LYS A 402 -5.76 -10.71 -12.23
N ALA A 403 -5.08 -9.55 -12.38
CA ALA A 403 -5.10 -8.50 -11.37
C ALA A 403 -6.40 -7.71 -11.33
N GLN A 404 -6.71 -7.20 -10.13
CA GLN A 404 -7.83 -6.30 -9.85
C GLN A 404 -7.64 -5.04 -10.73
N CYS A 405 -6.39 -4.51 -10.75
CA CYS A 405 -6.01 -3.33 -11.55
C CYS A 405 -4.74 -3.65 -12.36
N SER A 406 -4.89 -3.97 -13.68
CA SER A 406 -3.79 -4.28 -14.60
C SER A 406 -3.16 -2.99 -15.14
N PHE A 407 -1.84 -2.95 -15.33
CA PHE A 407 -1.17 -1.73 -15.78
C PHE A 407 -0.22 -1.89 -16.95
N SER A 408 -0.15 -3.08 -17.56
CA SER A 408 0.76 -3.32 -18.70
C SER A 408 0.40 -2.51 -19.97
N THR A 409 -0.85 -2.00 -20.01
CA THR A 409 -1.40 -1.15 -21.05
C THR A 409 -0.66 0.18 -21.16
N LYS A 410 -0.19 0.71 -20.02
CA LYS A 410 0.48 2.00 -19.94
C LYS A 410 1.96 1.87 -19.61
N PHE A 411 2.33 0.87 -18.80
CA PHE A 411 3.71 0.71 -18.36
C PHE A 411 4.29 -0.70 -18.55
N GLY A 412 5.63 -0.78 -18.67
CA GLY A 412 6.34 -2.03 -18.85
C GLY A 412 6.84 -2.32 -20.26
N ALA A 413 8.16 -2.22 -20.48
CA ALA A 413 8.77 -2.50 -21.77
C ALA A 413 8.54 -3.94 -22.17
N PRO A 414 7.96 -4.20 -23.36
CA PRO A 414 7.76 -5.61 -23.76
C PRO A 414 9.11 -6.31 -23.94
N LEU A 415 9.16 -7.61 -23.73
CA LEU A 415 10.42 -8.37 -23.80
C LEU A 415 11.24 -8.10 -25.07
N GLU A 416 10.59 -8.14 -26.25
CA GLU A 416 11.20 -7.88 -27.55
C GLU A 416 11.77 -6.45 -27.70
N ASP A 417 11.36 -5.53 -26.83
CA ASP A 417 11.81 -4.15 -26.88
C ASP A 417 12.88 -3.82 -25.84
N VAL A 418 13.17 -4.75 -24.92
CA VAL A 418 14.20 -4.58 -23.89
C VAL A 418 15.60 -4.39 -24.55
N GLU A 419 15.82 -5.09 -25.69
CA GLU A 419 17.01 -5.06 -26.53
C GLU A 419 17.36 -3.63 -27.01
N GLY A 420 16.39 -2.93 -27.60
CA GLY A 420 16.56 -1.55 -28.06
C GLY A 420 16.64 -0.54 -26.94
N LEU A 421 16.05 -0.87 -25.77
CA LEU A 421 16.06 -0.01 -24.60
C LEU A 421 17.45 -0.02 -23.95
N LEU A 422 18.07 -1.23 -23.81
CA LEU A 422 19.43 -1.40 -23.29
C LEU A 422 20.41 -0.65 -24.21
N GLU A 423 20.19 -0.78 -25.54
CA GLU A 423 20.94 -0.15 -26.61
C GLU A 423 20.98 1.35 -26.42
N ALA A 424 19.83 1.96 -26.10
CA ALA A 424 19.71 3.40 -25.90
C ALA A 424 20.32 3.87 -24.58
N ALA A 425 20.32 3.00 -23.55
CA ALA A 425 20.90 3.36 -22.26
C ALA A 425 22.42 3.49 -22.39
N ARG A 426 23.07 2.51 -23.04
CA ARG A 426 24.52 2.50 -23.30
C ARG A 426 24.87 3.74 -24.15
N GLN A 427 24.00 4.08 -25.13
CA GLN A 427 24.11 5.22 -26.04
C GLN A 427 24.10 6.60 -25.33
N PHE A 428 23.14 6.83 -24.43
CA PHE A 428 23.06 8.11 -23.73
C PHE A 428 23.87 8.16 -22.42
N ASN A 429 24.78 7.20 -22.22
CA ASN A 429 25.64 7.08 -21.03
C ASN A 429 24.80 6.99 -19.75
N VAL A 430 23.79 6.11 -19.77
CA VAL A 430 22.88 5.90 -18.65
C VAL A 430 23.24 4.59 -17.97
N THR A 431 23.33 4.60 -16.64
CA THR A 431 23.71 3.40 -15.90
C THR A 431 22.52 2.50 -15.58
N VAL A 432 22.37 1.34 -16.24
CA VAL A 432 21.29 0.40 -15.91
C VAL A 432 21.73 -0.49 -14.75
N CYS A 433 21.23 -0.21 -13.56
CA CYS A 433 21.60 -0.97 -12.37
C CYS A 433 20.62 -2.08 -11.97
N GLY A 434 19.50 -2.24 -12.69
CA GLY A 434 18.53 -3.26 -12.32
C GLY A 434 17.31 -3.39 -13.20
N VAL A 435 16.37 -4.26 -12.78
CA VAL A 435 15.12 -4.59 -13.46
C VAL A 435 13.94 -4.59 -12.48
N SER A 436 12.80 -3.96 -12.84
CA SER A 436 11.62 -3.97 -11.99
C SER A 436 10.36 -4.51 -12.73
N PHE A 437 9.31 -4.83 -11.97
CA PHE A 437 8.06 -5.28 -12.58
C PHE A 437 6.86 -5.06 -11.63
N HIS A 438 5.63 -5.09 -12.18
CA HIS A 438 4.43 -5.01 -11.36
C HIS A 438 3.39 -5.92 -11.98
N VAL A 439 3.00 -6.99 -11.30
CA VAL A 439 1.99 -7.91 -11.81
C VAL A 439 0.54 -7.38 -11.71
N GLY A 440 0.36 -6.10 -11.44
CA GLY A 440 -0.96 -5.53 -11.27
C GLY A 440 -1.37 -5.50 -9.80
N SER A 441 -2.11 -4.44 -9.42
CA SER A 441 -2.57 -4.25 -8.04
C SER A 441 -3.67 -5.24 -7.74
N GLY A 442 -3.61 -5.86 -6.57
CA GLY A 442 -4.61 -6.83 -6.18
C GLY A 442 -4.57 -8.10 -7.01
N ASN A 443 -3.35 -8.61 -7.27
CA ASN A 443 -3.20 -9.83 -8.05
C ASN A 443 -2.87 -11.05 -7.19
N ASP A 444 -3.75 -12.04 -7.20
CA ASP A 444 -3.60 -13.30 -6.48
C ASP A 444 -2.89 -14.40 -7.31
N ASP A 445 -2.65 -14.14 -8.63
CA ASP A 445 -1.99 -15.08 -9.55
C ASP A 445 -0.52 -15.32 -9.15
N GLN A 446 -0.24 -16.43 -8.45
CA GLN A 446 1.12 -16.76 -8.05
C GLN A 446 2.01 -16.98 -9.27
N SER A 447 1.45 -17.56 -10.35
CA SER A 447 2.17 -17.82 -11.59
C SER A 447 2.70 -16.55 -12.25
N ALA A 448 2.02 -15.40 -12.03
CA ALA A 448 2.46 -14.13 -12.59
C ALA A 448 3.70 -13.60 -11.90
N TYR A 449 3.90 -13.90 -10.60
CA TYR A 449 5.10 -13.46 -9.87
C TYR A 449 6.31 -14.29 -10.33
N VAL A 450 6.12 -15.61 -10.44
CA VAL A 450 7.14 -16.57 -10.88
C VAL A 450 7.53 -16.27 -12.32
N SER A 451 6.53 -16.01 -13.17
CA SER A 451 6.77 -15.67 -14.57
C SER A 451 7.52 -14.36 -14.75
N ALA A 452 7.30 -13.39 -13.85
CA ALA A 452 7.96 -12.10 -13.97
C ALA A 452 9.41 -12.16 -13.49
N VAL A 453 9.69 -12.96 -12.45
CA VAL A 453 11.08 -13.10 -11.98
C VAL A 453 11.91 -13.85 -13.04
N ARG A 454 11.33 -14.89 -13.65
CA ARG A 454 12.00 -15.63 -14.71
C ARG A 454 12.32 -14.73 -15.90
N ASP A 455 11.37 -13.83 -16.27
CA ASP A 455 11.57 -12.86 -17.35
C ASP A 455 12.60 -11.80 -16.97
N ALA A 456 12.61 -11.39 -15.70
CA ALA A 456 13.59 -10.40 -15.19
C ALA A 456 15.01 -10.97 -15.20
N TYR A 457 15.17 -12.31 -15.05
CA TYR A 457 16.47 -12.95 -15.10
C TYR A 457 17.02 -12.84 -16.52
N GLN A 458 16.18 -13.08 -17.55
CA GLN A 458 16.60 -12.96 -18.93
C GLN A 458 17.11 -11.56 -19.24
N VAL A 459 16.51 -10.52 -18.62
CA VAL A 459 16.95 -9.13 -18.84
C VAL A 459 18.32 -8.89 -18.22
N PHE A 460 18.60 -9.49 -17.05
CA PHE A 460 19.90 -9.40 -16.37
C PHE A 460 21.00 -9.93 -17.29
N GLN A 461 20.72 -11.04 -18.00
CA GLN A 461 21.63 -11.65 -18.98
C GLN A 461 21.88 -10.67 -20.15
N GLN A 462 20.81 -10.19 -20.81
CA GLN A 462 20.87 -9.24 -21.94
C GLN A 462 21.67 -7.98 -21.59
N ALA A 463 21.62 -7.55 -20.32
CA ALA A 463 22.29 -6.33 -19.85
C ALA A 463 23.82 -6.41 -19.82
N VAL A 464 24.37 -7.63 -19.69
CA VAL A 464 25.81 -7.84 -19.62
C VAL A 464 26.45 -7.40 -20.95
N GLN A 465 25.82 -7.80 -22.07
CA GLN A 465 26.21 -7.50 -23.45
C GLN A 465 26.34 -6.02 -23.77
N TYR A 466 25.83 -5.14 -22.90
CA TYR A 466 25.90 -3.70 -23.12
C TYR A 466 26.82 -2.96 -22.11
N GLY A 467 27.41 -3.70 -21.17
CA GLY A 467 28.29 -3.14 -20.17
C GLY A 467 27.63 -2.90 -18.82
N PHE A 468 26.56 -3.67 -18.52
CA PHE A 468 25.82 -3.50 -17.27
C PHE A 468 25.74 -4.73 -16.39
N LYS A 469 26.18 -4.59 -15.15
CA LYS A 469 26.07 -5.66 -14.17
C LYS A 469 24.96 -5.24 -13.23
N CYS A 470 23.75 -5.77 -13.44
CA CYS A 470 22.61 -5.42 -12.60
C CYS A 470 22.77 -5.93 -11.17
N THR A 471 22.48 -5.05 -10.19
CA THR A 471 22.59 -5.35 -8.77
C THR A 471 21.28 -5.21 -7.98
N ILE A 472 20.15 -4.86 -8.65
CA ILE A 472 18.84 -4.64 -7.99
C ILE A 472 17.69 -5.36 -8.70
N LEU A 473 16.89 -6.14 -7.96
CA LEU A 473 15.72 -6.78 -8.53
C LEU A 473 14.54 -6.28 -7.72
N ASP A 474 13.67 -5.47 -8.36
CA ASP A 474 12.51 -4.86 -7.73
C ASP A 474 11.27 -5.61 -8.15
N ILE A 475 10.65 -6.36 -7.24
CA ILE A 475 9.48 -7.16 -7.55
C ILE A 475 8.12 -6.44 -7.42
N GLY A 476 8.13 -5.12 -7.31
CA GLY A 476 6.93 -4.29 -7.24
C GLY A 476 5.90 -4.64 -6.17
N GLY A 477 4.62 -4.42 -6.49
CA GLY A 477 3.51 -4.67 -5.56
C GLY A 477 2.56 -5.77 -6.03
N GLY A 478 1.32 -5.69 -5.58
CA GLY A 478 0.30 -6.66 -5.98
C GLY A 478 -0.19 -7.57 -4.89
N PHE A 479 0.59 -7.66 -3.82
CA PHE A 479 0.36 -8.48 -2.63
C PHE A 479 -0.94 -8.07 -1.93
N PRO A 480 -1.71 -9.04 -1.43
CA PRO A 480 -2.95 -8.69 -0.72
C PRO A 480 -2.67 -8.11 0.68
N GLY A 481 -3.51 -7.18 1.10
CA GLY A 481 -3.36 -6.57 2.42
C GLY A 481 -4.35 -7.04 3.46
N THR A 482 -5.38 -7.79 3.05
CA THR A 482 -6.40 -8.26 4.00
C THR A 482 -6.38 -9.78 4.17
N GLU A 483 -6.84 -10.28 5.33
CA GLU A 483 -6.95 -11.71 5.57
C GLU A 483 -8.14 -12.28 4.82
N ASN A 490 -9.10 -15.75 -1.94
CA ASN A 490 -8.59 -17.07 -1.55
C ASN A 490 -7.05 -17.14 -1.48
N THR A 491 -6.33 -16.28 -2.23
CA THR A 491 -4.87 -16.31 -2.19
C THR A 491 -4.30 -15.49 -1.04
N SER A 492 -3.49 -16.12 -0.20
CA SER A 492 -2.87 -15.44 0.92
C SER A 492 -1.50 -14.86 0.51
N PHE A 493 -0.97 -13.93 1.31
CA PHE A 493 0.35 -13.38 1.06
C PHE A 493 1.41 -14.52 1.23
N GLU A 494 1.20 -15.43 2.21
CA GLU A 494 2.07 -16.56 2.50
C GLU A 494 2.20 -17.50 1.30
N ALA A 495 1.08 -17.82 0.64
CA ALA A 495 1.10 -18.66 -0.56
C ALA A 495 1.92 -18.01 -1.66
N ILE A 496 1.88 -16.69 -1.77
CA ILE A 496 2.63 -15.98 -2.80
C ILE A 496 4.12 -16.02 -2.51
N ALA A 497 4.49 -15.71 -1.26
CA ALA A 497 5.87 -15.71 -0.77
C ALA A 497 6.50 -17.09 -0.92
N ARG A 498 5.70 -18.14 -0.67
CA ARG A 498 6.09 -19.55 -0.79
C ARG A 498 6.48 -19.91 -2.24
N THR A 499 5.81 -19.31 -3.23
CA THR A 499 6.14 -19.58 -4.63
C THR A 499 7.25 -18.65 -5.17
N ILE A 500 7.51 -17.51 -4.50
CA ILE A 500 8.53 -16.54 -4.96
C ILE A 500 9.91 -16.92 -4.41
N ARG A 501 9.95 -17.34 -3.13
CA ARG A 501 11.19 -17.76 -2.45
C ARG A 501 12.06 -18.74 -3.28
N PRO A 502 11.52 -19.87 -3.79
CA PRO A 502 12.37 -20.80 -4.55
C PRO A 502 12.93 -20.25 -5.85
N VAL A 503 12.16 -19.41 -6.56
CA VAL A 503 12.58 -18.81 -7.81
C VAL A 503 13.68 -17.78 -7.58
N LEU A 504 13.61 -17.04 -6.46
CA LEU A 504 14.66 -16.09 -6.10
C LEU A 504 15.94 -16.85 -5.73
N ALA A 505 15.84 -18.04 -5.12
CA ALA A 505 17.01 -18.85 -4.78
C ALA A 505 17.64 -19.42 -6.07
N GLU A 506 16.79 -19.89 -6.99
CA GLU A 506 17.19 -20.47 -8.27
C GLU A 506 17.93 -19.49 -9.22
N LEU A 507 17.43 -18.24 -9.38
CA LEU A 507 18.02 -17.31 -10.34
C LEU A 507 18.69 -16.07 -9.74
N PHE A 508 18.37 -15.75 -8.49
CA PHE A 508 18.96 -14.57 -7.83
C PHE A 508 19.55 -14.89 -6.45
N GLY A 509 19.90 -16.17 -6.22
CA GLY A 509 20.49 -16.65 -4.98
C GLY A 509 22.00 -16.64 -4.94
N GLY A 510 22.63 -15.85 -5.82
CA GLY A 510 24.08 -15.78 -5.87
C GLY A 510 24.70 -14.93 -4.77
N GLY A 511 23.95 -13.96 -4.27
CA GLY A 511 24.40 -13.07 -3.20
C GLY A 511 24.95 -11.72 -3.65
N ASP A 512 25.05 -11.52 -4.97
CA ASP A 512 25.57 -10.27 -5.51
C ASP A 512 24.48 -9.20 -5.78
N VAL A 513 23.19 -9.61 -5.78
CA VAL A 513 22.06 -8.72 -6.06
C VAL A 513 21.15 -8.49 -4.84
N THR A 514 20.72 -7.23 -4.65
CA THR A 514 19.82 -6.83 -3.56
C THR A 514 18.38 -6.93 -4.08
N ILE A 515 17.48 -7.58 -3.35
CA ILE A 515 16.10 -7.75 -3.80
C ILE A 515 15.15 -6.83 -3.03
N ILE A 516 14.41 -5.98 -3.75
CA ILE A 516 13.51 -4.99 -3.14
C ILE A 516 12.07 -5.13 -3.66
N SER A 517 11.11 -4.56 -2.95
CA SER A 517 9.71 -4.59 -3.38
C SER A 517 9.06 -3.22 -3.18
N GLU A 518 7.85 -3.01 -3.74
CA GLU A 518 7.15 -1.73 -3.58
C GLU A 518 5.70 -1.95 -3.14
N PRO A 519 5.44 -2.61 -2.00
CA PRO A 519 4.05 -2.83 -1.59
C PRO A 519 3.38 -1.57 -1.08
N GLY A 520 2.13 -1.39 -1.46
CA GLY A 520 1.34 -0.24 -1.06
C GLY A 520 0.14 -0.76 -0.29
N ARG A 521 -0.79 -1.39 -1.00
CA ARG A 521 -1.99 -1.98 -0.42
C ARG A 521 -1.68 -2.96 0.73
N TYR A 522 -0.67 -3.82 0.55
CA TYR A 522 -0.21 -4.80 1.54
C TYR A 522 -0.11 -4.21 2.98
N PHE A 523 0.53 -3.03 3.11
CA PHE A 523 0.77 -2.39 4.39
C PHE A 523 -0.40 -1.60 4.94
N THR A 524 -1.24 -1.01 4.07
CA THR A 524 -2.28 -0.09 4.51
C THR A 524 -3.72 -0.55 4.53
N ALA A 525 -4.14 -1.49 3.67
CA ALA A 525 -5.56 -1.80 3.53
C ALA A 525 -6.28 -2.13 4.83
N ALA A 526 -5.77 -3.08 5.62
CA ALA A 526 -6.45 -3.49 6.83
C ALA A 526 -6.32 -2.52 8.01
N SER A 527 -5.47 -1.50 7.90
CA SER A 527 -5.29 -0.54 8.97
C SER A 527 -6.51 0.37 9.25
N HIS A 528 -7.35 0.67 8.23
CA HIS A 528 -8.46 1.60 8.41
C HIS A 528 -9.87 1.00 8.43
N ALA A 529 -10.73 1.55 9.28
CA ALA A 529 -12.15 1.23 9.32
C ALA A 529 -12.95 2.57 9.25
N LEU A 530 -13.91 2.69 8.32
CA LEU A 530 -14.71 3.91 8.15
C LEU A 530 -16.07 3.81 8.86
N LEU A 531 -16.42 4.83 9.65
CA LEU A 531 -17.71 4.86 10.33
C LEU A 531 -18.54 5.99 9.79
N MET A 532 -19.74 5.69 9.26
CA MET A 532 -20.63 6.73 8.71
C MET A 532 -22.00 6.68 9.36
N ASN A 533 -22.56 7.85 9.66
CA ASN A 533 -23.86 7.95 10.29
C ASN A 533 -24.98 7.99 9.25
N VAL A 534 -26.07 7.26 9.50
CA VAL A 534 -27.25 7.30 8.63
C VAL A 534 -28.08 8.47 9.15
N PHE A 535 -28.01 9.63 8.48
CA PHE A 535 -28.63 10.86 8.96
C PHE A 535 -29.98 11.23 8.29
N ALA A 536 -30.31 10.59 7.17
CA ALA A 536 -31.54 10.91 6.45
C ALA A 536 -32.11 9.68 5.75
N SER A 537 -33.43 9.69 5.47
CA SER A 537 -34.07 8.55 4.83
C SER A 537 -35.43 8.88 4.23
N ARG A 538 -35.82 8.13 3.19
CA ARG A 538 -37.13 8.25 2.55
C ARG A 538 -37.53 6.91 1.91
N THR A 539 -38.83 6.66 1.75
CA THR A 539 -39.30 5.42 1.13
C THR A 539 -40.03 5.72 -0.18
N LEU A 540 -39.85 4.86 -1.18
CA LEU A 540 -40.53 5.01 -2.45
C LEU A 540 -41.34 3.72 -2.78
N ARG A 541 -41.96 3.66 -3.96
CA ARG A 541 -42.71 2.49 -4.38
C ARG A 541 -41.94 1.91 -5.57
N LEU A 542 -41.69 0.59 -5.59
CA LEU A 542 -40.98 -0.02 -6.69
C LEU A 542 -41.88 -0.13 -7.91
N SER A 543 -41.33 0.13 -9.11
CA SER A 543 -42.06 0.06 -10.37
C SER A 543 -42.37 -1.37 -10.80
N GLU A 560 -47.52 -4.00 -2.66
CA GLU A 560 -46.93 -2.76 -2.19
C GLU A 560 -45.41 -2.84 -1.94
N PRO A 561 -44.59 -3.02 -3.00
CA PRO A 561 -43.13 -3.07 -2.79
C PRO A 561 -42.54 -1.68 -2.47
N GLU A 562 -41.69 -1.58 -1.43
CA GLU A 562 -41.12 -0.29 -1.04
C GLU A 562 -39.61 -0.23 -1.01
N GLU A 563 -39.03 0.80 -1.67
CA GLU A 563 -37.59 1.02 -1.71
C GLU A 563 -37.21 1.87 -0.52
N TYR A 564 -36.23 1.45 0.25
CA TYR A 564 -35.80 2.19 1.42
C TYR A 564 -34.48 2.92 1.11
N GLN A 565 -34.55 4.23 0.90
CA GLN A 565 -33.40 5.05 0.57
C GLN A 565 -32.83 5.70 1.81
N TYR A 566 -31.51 5.63 1.97
CA TYR A 566 -30.84 6.21 3.12
C TYR A 566 -29.73 7.14 2.66
N TYR A 567 -29.26 8.02 3.54
CA TYR A 567 -28.23 9.00 3.19
C TYR A 567 -27.20 8.93 4.29
N VAL A 568 -25.91 8.63 3.94
CA VAL A 568 -24.78 8.53 4.89
C VAL A 568 -23.74 9.62 4.61
N ASN A 569 -22.93 9.98 5.60
CA ASN A 569 -22.02 11.12 5.45
C ASN A 569 -20.62 10.80 4.86
N ASP A 570 -20.55 9.86 3.93
CA ASP A 570 -19.38 9.59 3.10
C ASP A 570 -19.89 8.85 1.86
N GLY A 571 -19.18 8.94 0.74
CA GLY A 571 -19.66 8.30 -0.47
C GLY A 571 -18.69 8.38 -1.63
N LEU A 572 -19.20 8.15 -2.82
CA LEU A 572 -18.46 8.08 -4.06
C LEU A 572 -17.49 9.25 -4.35
N TYR A 573 -17.80 10.52 -4.01
CA TYR A 573 -16.87 11.64 -4.29
C TYR A 573 -15.65 11.66 -3.32
N HIS A 574 -15.77 11.02 -2.16
CA HIS A 574 -14.71 11.07 -1.17
C HIS A 574 -14.12 9.63 -0.95
N SER A 575 -14.30 9.00 0.23
CA SER A 575 -13.76 7.66 0.49
C SER A 575 -14.18 6.55 -0.49
N PHE A 576 -15.39 6.62 -1.08
CA PHE A 576 -15.83 5.55 -1.97
C PHE A 576 -15.47 5.73 -3.42
N ASN A 577 -14.56 6.66 -3.76
CA ASN A 577 -14.10 6.79 -5.15
C ASN A 577 -13.48 5.47 -5.67
N CYS A 578 -12.94 4.64 -4.72
CA CYS A 578 -12.38 3.32 -4.93
C CYS A 578 -13.37 2.39 -5.66
N ILE A 579 -14.69 2.61 -5.52
CA ILE A 579 -15.70 1.84 -6.24
C ILE A 579 -15.48 1.99 -7.77
N LEU A 580 -15.02 3.19 -8.21
CA LEU A 580 -14.78 3.49 -9.61
C LEU A 580 -13.33 3.33 -10.03
N PHE A 581 -12.38 3.88 -9.28
CA PHE A 581 -10.98 3.82 -9.67
C PHE A 581 -10.26 2.52 -9.31
N ASP A 582 -10.68 1.88 -8.23
CA ASP A 582 -10.01 0.67 -7.74
C ASP A 582 -10.82 -0.60 -8.00
N HIS A 583 -12.03 -0.50 -8.59
CA HIS A 583 -12.90 -1.67 -8.78
C HIS A 583 -13.22 -2.33 -7.43
N ALA A 584 -13.22 -1.55 -6.34
CA ALA A 584 -13.46 -2.04 -5.01
C ALA A 584 -14.92 -2.44 -4.80
N HIS A 585 -15.15 -3.30 -3.83
CA HIS A 585 -16.50 -3.73 -3.46
C HIS A 585 -16.51 -3.80 -1.94
N PRO A 586 -16.51 -2.64 -1.28
CA PRO A 586 -16.43 -2.65 0.19
C PRO A 586 -17.58 -3.35 0.88
N THR A 587 -17.36 -3.72 2.13
CA THR A 587 -18.35 -4.44 2.91
C THR A 587 -19.07 -3.46 3.83
N LEU A 588 -20.40 -3.39 3.74
CA LEU A 588 -21.16 -2.48 4.59
C LEU A 588 -21.74 -3.22 5.79
N LEU A 589 -21.22 -2.96 6.98
CA LEU A 589 -21.68 -3.62 8.18
C LEU A 589 -22.59 -2.74 9.02
N LEU A 590 -23.83 -3.17 9.25
CA LEU A 590 -24.74 -2.40 10.10
C LEU A 590 -24.29 -2.67 11.51
N LEU A 591 -23.87 -1.60 12.22
CA LEU A 591 -23.26 -1.65 13.55
C LEU A 591 -24.00 -2.50 14.59
N ASN A 592 -25.32 -2.31 14.75
CA ASN A 592 -26.05 -3.10 15.74
C ASN A 592 -27.25 -3.81 15.14
N ASP A 593 -26.96 -4.79 14.28
CA ASP A 593 -27.98 -5.58 13.59
C ASP A 593 -28.74 -6.47 14.57
N ARG A 642 -33.51 -7.36 12.29
CA ARG A 642 -34.16 -6.37 11.41
C ARG A 642 -34.54 -7.04 10.09
N PRO A 643 -35.72 -6.72 9.50
CA PRO A 643 -36.10 -7.39 8.25
C PRO A 643 -35.35 -6.88 7.03
N LEU A 644 -35.14 -7.74 6.02
CA LEU A 644 -34.45 -7.32 4.81
C LEU A 644 -35.39 -6.51 3.91
N ARG A 645 -34.96 -5.29 3.54
CA ARG A 645 -35.73 -4.46 2.64
C ARG A 645 -34.92 -4.16 1.36
N ILE A 646 -35.58 -3.72 0.28
CA ILE A 646 -34.85 -3.34 -0.93
C ILE A 646 -34.26 -1.97 -0.64
N THR A 647 -32.98 -1.95 -0.25
CA THR A 647 -32.29 -0.74 0.18
C THR A 647 -31.42 -0.08 -0.90
N THR A 648 -31.37 1.26 -0.85
CA THR A 648 -30.52 2.12 -1.68
C THR A 648 -29.80 3.08 -0.72
N ILE A 649 -28.46 3.13 -0.74
CA ILE A 649 -27.68 4.00 0.14
C ILE A 649 -26.90 5.03 -0.66
N PHE A 650 -27.03 6.31 -0.27
CA PHE A 650 -26.37 7.42 -0.97
C PHE A 650 -25.34 8.13 -0.11
N GLY A 651 -24.40 8.82 -0.75
CA GLY A 651 -23.46 9.68 -0.05
C GLY A 651 -24.06 11.05 0.25
N PRO A 652 -23.26 11.96 0.80
CA PRO A 652 -23.80 13.25 1.24
C PRO A 652 -24.01 14.34 0.17
N THR A 653 -23.34 14.21 -0.98
CA THR A 653 -23.47 15.16 -2.07
C THR A 653 -24.88 15.20 -2.67
N CYS A 654 -25.16 16.23 -3.47
CA CYS A 654 -26.44 16.39 -4.16
C CYS A 654 -26.58 15.53 -5.41
N ASP A 655 -25.60 14.65 -5.70
CA ASP A 655 -25.66 13.84 -6.90
C ASP A 655 -26.31 12.49 -6.67
N SER A 656 -27.21 12.09 -7.59
CA SER A 656 -27.85 10.78 -7.56
C SER A 656 -26.81 9.65 -7.87
N MET A 657 -25.72 9.99 -8.60
CA MET A 657 -24.62 9.08 -8.92
C MET A 657 -23.86 8.67 -7.67
N ASP A 658 -23.82 9.55 -6.63
CA ASP A 658 -23.17 9.28 -5.36
C ASP A 658 -24.00 8.27 -4.58
N CYS A 659 -23.89 6.99 -4.98
CA CYS A 659 -24.64 5.83 -4.50
C CYS A 659 -23.66 4.69 -4.22
N ILE A 660 -23.65 4.16 -3.00
CA ILE A 660 -22.74 3.05 -2.68
C ILE A 660 -23.46 1.68 -2.75
N LEU A 661 -24.81 1.66 -2.73
CA LEU A 661 -25.62 0.44 -2.81
C LEU A 661 -26.94 0.76 -3.51
N LYS A 662 -27.28 0.09 -4.61
CA LYS A 662 -28.52 0.32 -5.34
C LYS A 662 -29.50 -0.88 -5.34
N LYS A 663 -30.69 -0.70 -4.72
CA LYS A 663 -31.80 -1.65 -4.70
C LYS A 663 -31.41 -3.11 -4.33
N GLN A 664 -30.66 -3.28 -3.23
CA GLN A 664 -30.22 -4.60 -2.80
C GLN A 664 -30.74 -4.88 -1.40
N PRO A 665 -31.00 -6.18 -1.10
CA PRO A 665 -31.48 -6.54 0.24
C PRO A 665 -30.51 -6.13 1.32
N PHE A 666 -31.02 -5.57 2.39
CA PHE A 666 -30.19 -5.09 3.49
C PHE A 666 -31.15 -4.90 4.68
N PRO A 667 -30.70 -5.17 5.92
CA PRO A 667 -31.59 -4.99 7.07
C PRO A 667 -32.06 -3.55 7.19
N GLU A 668 -33.35 -3.38 7.50
CA GLU A 668 -34.04 -2.11 7.65
C GLU A 668 -33.33 -1.26 8.72
N MET A 669 -32.91 -0.04 8.36
CA MET A 669 -32.18 0.85 9.27
C MET A 669 -33.01 2.06 9.73
N LYS A 670 -32.55 2.73 10.79
CA LYS A 670 -33.18 3.93 11.35
C LYS A 670 -32.15 5.09 11.44
N LEU A 671 -32.61 6.33 11.55
CA LEU A 671 -31.71 7.49 11.66
C LEU A 671 -30.94 7.42 12.95
N GLY A 672 -29.66 7.76 12.90
CA GLY A 672 -28.79 7.64 14.06
C GLY A 672 -27.89 6.41 13.99
N ASP A 673 -28.31 5.37 13.21
CA ASP A 673 -27.54 4.14 13.01
C ASP A 673 -26.16 4.44 12.40
N TRP A 674 -25.23 3.49 12.54
CA TRP A 674 -23.90 3.64 11.96
C TRP A 674 -23.60 2.49 11.04
N LEU A 675 -22.84 2.77 9.98
CA LEU A 675 -22.34 1.76 9.04
C LEU A 675 -20.84 1.68 9.27
N LEU A 676 -20.31 0.46 9.45
CA LEU A 676 -18.88 0.23 9.63
C LEU A 676 -18.36 -0.44 8.36
N VAL A 677 -17.33 0.16 7.75
CA VAL A 677 -16.72 -0.35 6.53
C VAL A 677 -15.28 -0.65 6.83
N PRO A 678 -14.93 -1.90 7.13
CA PRO A 678 -13.50 -2.22 7.39
C PRO A 678 -12.66 -2.30 6.11
N ASP A 679 -11.31 -2.38 6.25
CA ASP A 679 -10.36 -2.52 5.12
C ASP A 679 -10.45 -1.37 4.12
N MET A 680 -10.40 -0.16 4.63
CA MET A 680 -10.53 1.04 3.83
C MET A 680 -9.26 1.91 3.85
N GLY A 681 -8.09 1.28 4.04
CA GLY A 681 -6.82 1.98 4.15
C GLY A 681 -6.07 2.22 2.86
N SER A 682 -6.48 1.59 1.75
CA SER A 682 -5.77 1.73 0.47
C SER A 682 -6.62 2.26 -0.68
N TYR A 683 -6.08 3.24 -1.43
CA TYR A 683 -6.70 3.84 -2.62
C TYR A 683 -8.12 4.37 -2.37
N THR A 684 -8.34 4.95 -1.17
CA THR A 684 -9.59 5.55 -0.70
C THR A 684 -9.34 7.10 -0.47
N THR A 685 -8.91 7.50 0.74
CA THR A 685 -8.59 8.90 1.08
C THR A 685 -7.43 9.47 0.24
N ALA A 686 -6.57 8.60 -0.30
CA ALA A 686 -5.43 8.96 -1.15
C ALA A 686 -5.89 9.58 -2.46
N ALA A 687 -7.03 9.13 -3.02
CA ALA A 687 -7.53 9.70 -4.27
C ALA A 687 -8.80 10.59 -4.11
N ALA A 688 -9.39 10.63 -2.93
CA ALA A 688 -10.59 11.38 -2.56
C ALA A 688 -10.54 12.91 -2.76
N GLY A 689 -11.62 13.45 -3.33
CA GLY A 689 -11.79 14.88 -3.50
C GLY A 689 -12.66 15.49 -2.41
N PHE A 690 -13.10 16.74 -2.63
CA PHE A 690 -13.88 17.51 -1.65
C PHE A 690 -15.14 18.11 -2.28
N PHE A 691 -15.75 17.41 -3.24
CA PHE A 691 -16.96 17.91 -3.91
C PHE A 691 -18.07 18.17 -2.91
N ASN A 692 -18.85 19.27 -3.11
CA ASN A 692 -19.92 19.68 -2.18
C ASN A 692 -19.39 20.08 -0.79
N GLY A 693 -18.08 20.09 -0.59
CA GLY A 693 -17.48 20.50 0.68
C GLY A 693 -17.57 19.46 1.77
N PHE A 694 -17.74 18.19 1.41
CA PHE A 694 -17.78 17.11 2.41
C PHE A 694 -16.45 16.32 2.46
N ALA A 695 -15.94 16.06 3.68
CA ALA A 695 -14.72 15.28 3.93
C ALA A 695 -14.79 14.58 5.27
N THR A 696 -14.06 13.46 5.43
CA THR A 696 -14.01 12.78 6.73
C THR A 696 -12.72 13.19 7.38
N ARG A 697 -12.79 13.99 8.45
CA ARG A 697 -11.59 14.53 9.07
C ARG A 697 -11.24 13.95 10.44
N ARG A 698 -12.23 13.38 11.16
CA ARG A 698 -11.96 12.85 12.50
C ARG A 698 -11.20 11.52 12.43
N LEU A 699 -10.05 11.43 13.10
CA LEU A 699 -9.23 10.22 13.09
C LEU A 699 -9.02 9.71 14.51
N GLU A 700 -9.24 8.42 14.74
CA GLU A 700 -9.00 7.83 16.05
C GLU A 700 -7.88 6.79 15.96
N TRP A 701 -6.70 7.13 16.48
CA TRP A 701 -5.54 6.23 16.38
C TRP A 701 -5.46 5.11 17.45
N VAL A 702 -5.52 3.83 17.03
CA VAL A 702 -5.43 2.69 17.95
C VAL A 702 -4.32 1.69 17.56
N SER A 703 -3.92 0.80 18.49
CA SER A 703 -2.95 -0.24 18.18
C SER A 703 -3.41 -1.58 18.67
N SER A 704 -3.60 -2.50 17.75
CA SER A 704 -4.02 -3.86 18.08
C SER A 704 -2.87 -4.73 18.63
N VAL A 705 -1.61 -4.25 18.57
CA VAL A 705 -0.48 -5.03 19.04
C VAL A 705 0.21 -4.38 20.26
N ASP A 706 0.67 -5.23 21.17
CA ASP A 706 1.39 -4.82 22.37
C ASP A 706 2.79 -4.45 21.90
N LEU A 707 3.26 -3.25 22.24
CA LEU A 707 4.56 -2.79 21.79
C LEU A 707 5.05 -1.57 22.58
N CYS A 708 4.13 -0.64 22.91
CA CYS A 708 4.52 0.58 23.62
C CYS A 708 3.77 0.81 24.93
N ALA A 709 4.50 0.80 26.06
CA ALA A 709 3.91 1.03 27.39
C ALA A 709 3.99 2.51 27.81
P PO4 B . 0.24 -2.15 -4.68
O1 PO4 B . 0.99 -3.05 -3.70
O2 PO4 B . 1.23 -1.34 -5.53
O3 PO4 B . -0.61 -3.06 -5.59
O4 PO4 B . -0.68 -1.18 -3.88
#